data_7C65
#
_entry.id   7C65
#
_cell.length_a   24.004
_cell.length_b   64.333
_cell.length_c   29.487
_cell.angle_alpha   90.000
_cell.angle_beta   96.010
_cell.angle_gamma   90.000
#
_symmetry.space_group_name_H-M   'P 1 21 1'
#
loop_
_entity.id
_entity.type
_entity.pdbx_description
1 polymer 'Thioredoxin M1, chloroplastic'
2 non-polymer 'SODIUM ION'
3 water water
#
_entity_poly.entity_id   1
_entity_poly.type   'polypeptide(L)'
_entity_poly.pdbx_seq_one_letter_code
;DTATGIPVVNDSTWDSLVLKADEPVFVDFWAPWCGPSKMIDPIVNELAQKYAGQFKFYKLNTDESPATPGQYGVRSIPTI
MIFVNGEKKDTIIGAVSKDTLATSINKFL
;
_entity_poly.pdbx_strand_id   A
#
loop_
_chem_comp.id
_chem_comp.type
_chem_comp.name
_chem_comp.formula
NA non-polymer 'SODIUM ION' 'Na 1'
#
# COMPACT_ATOMS: atom_id res chain seq x y z
N THR A 4 12.35 -10.43 4.49
CA THR A 4 11.37 -10.81 3.48
C THR A 4 10.08 -10.04 3.59
N GLY A 5 9.56 -9.45 2.52
CA GLY A 5 8.29 -8.71 2.67
C GLY A 5 7.68 -8.64 1.27
N ILE A 6 6.75 -7.70 1.15
CA ILE A 6 6.01 -7.59 -0.09
C ILE A 6 6.93 -7.01 -1.18
N PRO A 7 6.56 -7.29 -2.43
CA PRO A 7 7.33 -6.71 -3.54
C PRO A 7 7.29 -5.19 -3.56
N VAL A 8 8.32 -4.65 -4.22
CA VAL A 8 8.50 -3.23 -4.34
C VAL A 8 7.84 -2.66 -5.59
N VAL A 9 7.27 -1.46 -5.52
CA VAL A 9 6.96 -0.67 -6.71
C VAL A 9 7.80 0.62 -6.59
N ASN A 10 8.14 1.15 -7.78
CA ASN A 10 8.92 2.38 -7.81
C ASN A 10 8.32 3.29 -8.90
N ASP A 11 8.97 4.42 -9.10
CA ASP A 11 8.39 5.39 -10.03
C ASP A 11 8.35 4.77 -11.42
N SER A 12 9.35 4.01 -11.80
CA SER A 12 9.40 3.37 -13.10
C SER A 12 8.27 2.38 -13.41
N THR A 13 7.84 1.68 -12.37
CA THR A 13 6.87 0.55 -12.51
C THR A 13 5.50 0.86 -12.00
N TRP A 14 5.27 2.11 -11.53
CA TRP A 14 3.96 2.48 -10.99
C TRP A 14 2.82 2.19 -11.95
N ASP A 15 2.95 2.65 -13.19
CA ASP A 15 1.88 2.45 -14.13
C ASP A 15 1.59 0.98 -14.38
N SER A 16 2.66 0.19 -14.68
N SER A 16 2.63 0.18 -14.68
CA SER A 16 2.49 -1.20 -15.06
CA SER A 16 2.27 -1.20 -15.03
C SER A 16 2.10 -2.11 -13.88
C SER A 16 1.87 -2.00 -13.80
N LEU A 17 2.55 -1.84 -12.67
CA LEU A 17 2.22 -2.71 -11.55
C LEU A 17 0.98 -2.29 -10.79
N VAL A 18 0.73 -0.99 -10.71
CA VAL A 18 -0.40 -0.52 -9.87
C VAL A 18 -1.54 -0.16 -10.79
N LEU A 19 -1.36 0.77 -11.76
CA LEU A 19 -2.50 1.30 -12.47
C LEU A 19 -3.06 0.30 -13.50
N LYS A 20 -2.20 -0.59 -14.00
CA LYS A 20 -2.64 -1.54 -15.04
C LYS A 20 -2.87 -2.92 -14.48
N ALA A 21 -2.83 -3.09 -13.16
CA ALA A 21 -3.00 -4.42 -12.61
C ALA A 21 -4.36 -5.06 -12.86
N ASP A 22 -4.41 -6.37 -13.00
N ASP A 22 -4.37 -6.37 -12.98
CA ASP A 22 -5.66 -7.11 -13.16
CA ASP A 22 -5.61 -7.11 -13.18
C ASP A 22 -6.38 -7.59 -11.90
C ASP A 22 -6.44 -7.13 -11.89
N GLU A 23 -5.92 -7.29 -10.71
N GLU A 23 -5.81 -7.16 -10.75
CA GLU A 23 -6.54 -7.44 -9.42
CA GLU A 23 -6.28 -7.40 -9.41
C GLU A 23 -6.42 -6.13 -8.66
C GLU A 23 -6.40 -6.09 -8.65
N PRO A 24 -7.23 -5.92 -7.63
CA PRO A 24 -7.06 -4.74 -6.78
C PRO A 24 -5.67 -4.73 -6.22
N VAL A 25 -5.15 -3.52 -5.96
CA VAL A 25 -3.79 -3.33 -5.49
C VAL A 25 -3.77 -2.53 -4.21
N PHE A 26 -3.01 -2.99 -3.25
CA PHE A 26 -2.66 -2.32 -2.00
C PHE A 26 -1.25 -1.79 -2.07
N VAL A 27 -1.06 -0.50 -1.87
CA VAL A 27 0.24 0.13 -1.92
C VAL A 27 0.57 0.73 -0.57
N ASP A 28 1.73 0.37 -0.03
CA ASP A 28 2.30 0.88 1.21
C ASP A 28 3.39 1.91 0.90
N PHE A 29 3.11 3.19 1.15
CA PHE A 29 4.10 4.25 1.08
C PHE A 29 4.80 4.34 2.43
N TRP A 30 6.12 4.19 2.43
CA TRP A 30 6.94 4.11 3.62
C TRP A 30 8.31 4.72 3.33
N ALA A 31 9.13 4.88 4.38
CA ALA A 31 10.52 5.23 4.17
C ALA A 31 11.33 4.82 5.39
N PRO A 32 12.63 4.54 5.19
CA PRO A 32 13.40 4.03 6.33
C PRO A 32 13.67 5.07 7.44
N TRP A 33 13.46 6.35 7.20
CA TRP A 33 13.63 7.34 8.27
C TRP A 33 12.38 7.39 9.15
N CYS A 34 11.31 6.71 8.73
CA CYS A 34 10.06 6.78 9.49
C CYS A 34 9.76 5.45 10.16
N GLY A 35 10.07 5.39 11.44
CA GLY A 35 9.90 4.15 12.15
C GLY A 35 8.46 3.64 12.15
N PRO A 36 7.40 4.38 12.42
CA PRO A 36 6.02 3.88 12.30
C PRO A 36 5.72 3.31 10.93
N SER A 37 6.30 3.82 9.86
CA SER A 37 6.04 3.25 8.52
C SER A 37 6.74 1.92 8.31
N LYS A 38 7.78 1.63 9.06
CA LYS A 38 8.41 0.31 9.08
C LYS A 38 7.68 -0.62 10.04
N MET A 39 7.08 -0.14 11.12
N MET A 39 7.11 -0.06 11.10
CA MET A 39 6.49 -1.02 12.12
CA MET A 39 6.46 -0.77 12.19
C MET A 39 5.23 -1.69 11.61
C MET A 39 5.31 -1.63 11.68
N ILE A 40 4.66 -1.22 10.50
N ILE A 40 4.76 -1.23 10.54
CA ILE A 40 3.48 -1.87 9.95
CA ILE A 40 3.58 -1.79 9.94
C ILE A 40 3.88 -3.07 9.12
C ILE A 40 3.89 -3.05 9.12
N ASP A 41 5.16 -3.35 8.87
CA ASP A 41 5.49 -4.41 7.93
C ASP A 41 4.97 -5.77 8.37
N PRO A 42 5.08 -6.23 9.61
CA PRO A 42 4.46 -7.51 9.93
C PRO A 42 2.96 -7.56 9.61
N ILE A 43 2.23 -6.49 9.90
N ILE A 43 2.15 -6.53 9.87
CA ILE A 43 0.81 -6.44 9.56
CA ILE A 43 0.73 -6.72 9.51
C ILE A 43 0.61 -6.57 8.05
C ILE A 43 0.52 -6.55 8.00
N VAL A 44 1.30 -5.75 7.29
CA VAL A 44 1.15 -5.78 5.81
C VAL A 44 1.52 -7.16 5.29
N ASN A 45 2.58 -7.76 5.81
CA ASN A 45 2.91 -9.11 5.37
C ASN A 45 1.81 -10.10 5.69
N GLU A 46 1.18 -9.98 6.86
CA GLU A 46 0.06 -10.89 7.14
C GLU A 46 -1.08 -10.70 6.17
N LEU A 47 -1.37 -9.45 5.85
CA LEU A 47 -2.42 -9.19 4.86
C LEU A 47 -2.04 -9.75 3.50
N ALA A 48 -0.79 -9.58 3.08
CA ALA A 48 -0.39 -10.05 1.75
C ALA A 48 -0.52 -11.56 1.65
N GLN A 49 -0.22 -12.28 2.72
N GLN A 49 -0.21 -12.24 2.74
CA GLN A 49 -0.36 -13.74 2.69
CA GLN A 49 -0.33 -13.73 2.73
C GLN A 49 -1.84 -14.13 2.70
C GLN A 49 -1.81 -14.10 2.70
N LYS A 50 -2.63 -13.45 3.55
CA LYS A 50 -4.05 -13.83 3.65
C LYS A 50 -4.80 -13.59 2.35
N TYR A 51 -4.50 -12.46 1.73
CA TYR A 51 -5.25 -12.01 0.52
C TYR A 51 -4.54 -12.43 -0.78
N ALA A 52 -3.55 -13.34 -0.63
CA ALA A 52 -2.78 -13.70 -1.83
C ALA A 52 -3.78 -14.18 -2.88
N GLY A 53 -3.55 -13.77 -4.11
CA GLY A 53 -4.33 -14.15 -5.26
C GLY A 53 -5.63 -13.38 -5.39
N GLN A 54 -6.03 -12.56 -4.43
CA GLN A 54 -7.13 -11.65 -4.57
C GLN A 54 -6.73 -10.18 -4.68
N PHE A 55 -5.52 -9.85 -4.21
CA PHE A 55 -4.99 -8.52 -4.18
C PHE A 55 -3.51 -8.62 -4.50
N LYS A 56 -2.99 -7.62 -5.20
CA LYS A 56 -1.55 -7.43 -5.21
C LYS A 56 -1.12 -6.46 -4.12
N PHE A 57 0.06 -6.60 -3.62
CA PHE A 57 0.64 -5.78 -2.58
C PHE A 57 2.02 -5.26 -3.00
N TYR A 58 2.22 -3.96 -2.90
CA TYR A 58 3.51 -3.35 -3.20
C TYR A 58 3.86 -2.30 -2.18
N LYS A 59 5.16 -2.14 -1.93
CA LYS A 59 5.63 -1.05 -1.07
C LYS A 59 6.51 -0.13 -1.88
N LEU A 60 6.32 1.18 -1.67
CA LEU A 60 7.06 2.25 -2.34
C LEU A 60 7.79 3.05 -1.28
N ASN A 61 9.10 3.11 -1.44
CA ASN A 61 9.99 3.86 -0.57
C ASN A 61 10.03 5.30 -1.03
N THR A 62 9.46 6.24 -0.26
CA THR A 62 9.32 7.62 -0.76
C THR A 62 10.71 8.31 -0.81
N ASP A 63 11.73 7.82 -0.13
CA ASP A 63 13.12 8.28 -0.28
C ASP A 63 13.70 7.87 -1.64
N GLU A 64 13.37 6.69 -2.14
CA GLU A 64 13.91 6.12 -3.34
C GLU A 64 13.13 6.49 -4.61
N SER A 65 11.81 6.67 -4.44
CA SER A 65 10.88 6.96 -5.52
C SER A 65 10.05 8.18 -5.14
N PRO A 66 10.64 9.36 -5.29
CA PRO A 66 9.91 10.57 -4.86
C PRO A 66 8.83 11.07 -5.81
N ALA A 67 8.80 10.67 -7.08
CA ALA A 67 7.87 11.33 -7.97
C ALA A 67 6.44 10.91 -7.69
N THR A 68 6.18 9.63 -7.44
CA THR A 68 4.82 9.14 -7.27
C THR A 68 4.19 9.73 -6.00
N PRO A 69 4.81 9.65 -4.83
CA PRO A 69 4.17 10.27 -3.64
C PRO A 69 3.92 11.77 -3.83
N GLY A 70 4.86 12.47 -4.50
CA GLY A 70 4.64 13.88 -4.79
C GLY A 70 3.38 14.10 -5.60
N GLN A 71 3.24 13.32 -6.70
CA GLN A 71 2.10 13.43 -7.66
C GLN A 71 0.81 13.12 -6.95
N TYR A 72 0.79 12.18 -6.02
CA TYR A 72 -0.43 11.69 -5.38
C TYR A 72 -0.69 12.38 -4.05
N GLY A 73 0.09 13.40 -3.72
CA GLY A 73 -0.16 14.23 -2.55
C GLY A 73 0.12 13.58 -1.22
N VAL A 74 1.04 12.63 -1.21
CA VAL A 74 1.34 11.97 0.09
C VAL A 74 1.99 13.01 1.01
N ARG A 75 1.43 13.21 2.20
CA ARG A 75 1.85 14.21 3.17
C ARG A 75 2.53 13.64 4.41
N SER A 76 2.25 12.38 4.70
CA SER A 76 2.80 11.71 5.87
C SER A 76 2.86 10.22 5.51
N ILE A 77 3.72 9.52 6.22
CA ILE A 77 3.85 8.06 6.04
C ILE A 77 3.74 7.43 7.41
N PRO A 78 3.24 6.19 7.48
CA PRO A 78 2.81 5.39 6.33
C PRO A 78 1.50 5.92 5.79
N THR A 79 1.32 5.71 4.49
CA THR A 79 0.08 5.90 3.78
C THR A 79 -0.20 4.65 2.96
N ILE A 80 -1.37 4.09 3.04
N ILE A 80 -1.39 4.13 3.08
CA ILE A 80 -1.84 2.97 2.24
CA ILE A 80 -1.80 3.02 2.22
C ILE A 80 -2.81 3.53 1.21
C ILE A 80 -2.85 3.46 1.23
N MET A 81 -2.68 3.07 -0.03
CA MET A 81 -3.68 3.36 -1.04
C MET A 81 -4.16 2.07 -1.67
N ILE A 82 -5.43 2.07 -2.03
N ILE A 82 -5.44 2.03 -2.04
CA ILE A 82 -6.01 0.93 -2.75
CA ILE A 82 -6.11 0.93 -2.70
C ILE A 82 -6.45 1.42 -4.10
C ILE A 82 -6.54 1.36 -4.10
N PHE A 83 -6.08 0.65 -5.13
CA PHE A 83 -6.44 0.91 -6.50
C PHE A 83 -7.22 -0.23 -7.10
N VAL A 84 -8.23 0.07 -7.89
CA VAL A 84 -8.98 -0.96 -8.62
C VAL A 84 -9.09 -0.52 -10.07
N ASN A 85 -8.59 -1.28 -11.00
CA ASN A 85 -8.70 -1.00 -12.44
C ASN A 85 -8.27 0.42 -12.78
N GLY A 86 -7.17 0.87 -12.17
CA GLY A 86 -6.60 2.14 -12.52
C GLY A 86 -7.15 3.32 -11.74
N GLU A 87 -8.05 3.11 -10.82
CA GLU A 87 -8.71 4.16 -10.08
C GLU A 87 -8.38 4.04 -8.61
N LYS A 88 -7.96 5.14 -7.96
CA LYS A 88 -7.73 5.17 -6.54
C LYS A 88 -9.07 5.06 -5.83
N LYS A 89 -9.20 4.08 -4.96
CA LYS A 89 -10.45 3.80 -4.27
C LYS A 89 -10.42 4.10 -2.79
N ASP A 90 -9.24 4.14 -2.16
CA ASP A 90 -9.15 4.44 -0.75
C ASP A 90 -7.76 4.90 -0.39
N THR A 91 -7.66 5.70 0.64
CA THR A 91 -6.43 6.13 1.22
C THR A 91 -6.51 6.00 2.74
N ILE A 92 -5.57 5.27 3.33
N ILE A 92 -5.59 5.28 3.37
CA ILE A 92 -5.52 5.06 4.77
CA ILE A 92 -5.65 4.99 4.79
C ILE A 92 -4.16 5.54 5.29
C ILE A 92 -4.31 5.51 5.32
N ILE A 93 -4.26 6.67 5.98
N ILE A 93 -4.34 6.60 6.05
CA ILE A 93 -3.08 7.41 6.41
CA ILE A 93 -3.10 7.28 6.41
C ILE A 93 -2.89 7.17 7.88
C ILE A 93 -2.76 7.02 7.87
N GLY A 94 -1.72 6.73 8.30
N GLY A 94 -1.48 6.89 8.16
CA GLY A 94 -1.37 6.73 9.72
CA GLY A 94 -1.04 6.62 9.55
C GLY A 94 -1.25 5.36 10.37
C GLY A 94 -1.01 5.14 9.90
N ALA A 95 -0.98 5.39 11.67
N ALA A 95 -0.33 4.86 11.02
CA ALA A 95 -0.91 4.20 12.50
CA ALA A 95 -0.03 3.50 11.44
C ALA A 95 -2.29 3.61 12.75
C ALA A 95 -1.24 2.83 12.06
N VAL A 96 -2.52 2.59 11.91
N VAL A 96 -2.23 2.33 11.32
CA VAL A 96 -3.81 1.95 12.07
CA VAL A 96 -3.51 1.93 11.88
C VAL A 96 -3.56 0.48 12.37
C VAL A 96 -3.61 0.44 12.16
N SER A 97 -4.68 -0.09 12.74
CA SER A 97 -4.72 -1.54 13.02
C SER A 97 -4.95 -2.39 11.81
N LYS A 98 -4.57 -3.66 11.94
CA LYS A 98 -4.84 -4.63 10.88
C LYS A 98 -6.34 -4.66 10.57
N ASP A 99 -7.21 -4.61 11.59
CA ASP A 99 -8.65 -4.64 11.33
C ASP A 99 -9.11 -3.47 10.47
N THR A 100 -8.56 -2.29 10.71
CA THR A 100 -8.91 -1.08 9.92
C THR A 100 -8.62 -1.31 8.47
N LEU A 101 -7.42 -1.89 8.23
CA LEU A 101 -6.98 -2.18 6.85
C LEU A 101 -7.82 -3.27 6.22
N ALA A 102 -8.12 -4.34 6.96
CA ALA A 102 -8.93 -5.42 6.39
C ALA A 102 -10.32 -4.93 6.01
N THR A 103 -10.90 -4.04 6.82
CA THR A 103 -12.18 -3.44 6.44
C THR A 103 -12.15 -2.75 5.10
N SER A 104 -11.09 -2.00 4.80
N SER A 104 -11.05 -2.01 4.87
CA SER A 104 -11.05 -1.36 3.48
CA SER A 104 -10.96 -1.29 3.60
C SER A 104 -10.77 -2.36 2.39
C SER A 104 -10.73 -2.29 2.47
N ILE A 105 -9.87 -3.30 2.70
CA ILE A 105 -9.57 -4.31 1.67
C ILE A 105 -10.85 -5.05 1.27
N ASN A 106 -11.59 -5.45 2.29
CA ASN A 106 -12.78 -6.29 2.03
C ASN A 106 -13.82 -5.54 1.23
N LYS A 107 -13.86 -4.22 1.28
CA LYS A 107 -14.83 -3.38 0.54
C LYS A 107 -14.63 -3.66 -0.95
N PHE A 108 -13.42 -3.96 -1.41
CA PHE A 108 -13.16 -4.09 -2.84
C PHE A 108 -13.16 -5.57 -3.24
N LEU A 109 -13.60 -6.46 -2.35
CA LEU A 109 -13.82 -7.88 -2.58
C LEU A 109 -15.31 -8.17 -2.79
NA NA B . -6.69 -14.90 -0.54
#